data_3TJ5
#
_entry.id   3TJ5
#
_cell.length_a   54.404
_cell.length_b   76.343
_cell.length_c   114.549
_cell.angle_alpha   90.00
_cell.angle_beta   90.00
_cell.angle_gamma   90.00
#
_symmetry.space_group_name_H-M   'P 21 21 21'
#
loop_
_entity.id
_entity.type
_entity.pdbx_description
1 polymer Vinculin
2 polymer 'Antigenic heat-stable 120 kDa protein'
3 non-polymer GLYCEROL
4 water water
#
loop_
_entity_poly.entity_id
_entity_poly.type
_entity_poly.pdbx_seq_one_letter_code
_entity_poly.pdbx_strand_id
1 'polypeptide(L)'
;MPVFHTRTIESILEPVAQQISHLVIMHEEGEVDGKAIPDLTAPVAAVQAAVSNLVRVGKETVQTTEDQILKRDMPPAFIK
VENACTKLVQAAQMLQSDPYSVPARDYLIDGSRGILSGTSDLLLTFDEAEVRKIIRVCKGILEYLTVAEVVETMEDLVTY
TKNLGPGMTKMAKMIDERQQELTHQEHRVMLVNSMNTVKELLPVLISAMKIFVTTKNSKNQGIEEALKNRNFTVEKMSAE
INEIIRVLQLTSWDE
;
A
2 'polypeptide(L)' GSHMNLLNAATALSGSMQYLLNYVNAG B
#
# COMPACT_ATOMS: atom_id res chain seq x y z
N PRO A 2 10.43 11.16 6.03
CA PRO A 2 10.24 10.11 7.04
C PRO A 2 8.77 9.74 7.27
N VAL A 3 7.82 10.41 6.58
CA VAL A 3 6.39 10.09 6.71
C VAL A 3 6.14 8.78 5.96
N PHE A 4 5.19 7.97 6.46
CA PHE A 4 4.90 6.69 5.82
C PHE A 4 3.71 6.86 4.86
N HIS A 5 3.72 6.06 3.77
CA HIS A 5 2.75 6.13 2.68
C HIS A 5 1.31 5.86 3.14
N THR A 6 1.11 4.87 4.04
CA THR A 6 -0.21 4.45 4.55
C THR A 6 -0.23 4.32 6.06
N ARG A 7 -1.44 4.29 6.64
CA ARG A 7 -1.64 4.16 8.08
C ARG A 7 -1.24 2.78 8.59
N THR A 8 -1.27 1.75 7.73
CA THR A 8 -0.86 0.39 8.09
C THR A 8 0.66 0.35 8.27
N ILE A 9 1.41 0.95 7.33
CA ILE A 9 2.86 0.99 7.33
C ILE A 9 3.34 1.82 8.53
N GLU A 10 2.70 2.96 8.76
CA GLU A 10 2.96 3.88 9.85
C GLU A 10 2.90 3.16 11.21
N SER A 11 1.82 2.43 11.51
CA SER A 11 1.64 1.74 12.79
C SER A 11 2.72 0.69 13.03
N ILE A 12 3.27 0.10 11.97
CA ILE A 12 4.33 -0.90 12.07
C ILE A 12 5.71 -0.23 12.24
N LEU A 13 6.01 0.79 11.40
CA LEU A 13 7.34 1.34 11.34
C LEU A 13 7.59 2.60 12.16
N GLU A 14 6.60 3.48 12.30
CA GLU A 14 6.76 4.74 13.04
C GLU A 14 7.27 4.47 14.48
N PRO A 15 6.75 3.47 15.24
CA PRO A 15 7.31 3.23 16.60
C PRO A 15 8.79 2.82 16.57
N VAL A 16 9.21 2.05 15.55
CA VAL A 16 10.60 1.65 15.43
C VAL A 16 11.48 2.90 15.12
N ALA A 17 11.04 3.76 14.16
CA ALA A 17 11.76 4.99 13.83
C ALA A 17 11.89 5.88 15.04
N GLN A 18 10.80 6.02 15.84
CA GLN A 18 10.84 6.86 17.05
C GLN A 18 11.84 6.35 18.10
N GLN A 19 11.93 5.04 18.25
CA GLN A 19 12.83 4.44 19.22
C GLN A 19 14.29 4.50 18.76
N ILE A 20 14.55 4.40 17.45
CA ILE A 20 15.91 4.57 16.95
C ILE A 20 16.36 6.01 17.20
N SER A 21 15.48 6.99 16.89
CA SER A 21 15.82 8.41 17.08
C SER A 21 16.07 8.70 18.56
N HIS A 22 15.35 8.01 19.48
CA HIS A 22 15.58 8.17 20.93
C HIS A 22 16.96 7.65 21.32
N LEU A 23 17.39 6.52 20.72
CA LEU A 23 18.69 5.91 21.03
C LEU A 23 19.83 6.81 20.52
N VAL A 24 19.67 7.37 19.30
CA VAL A 24 20.60 8.28 18.63
C VAL A 24 20.89 9.53 19.53
N ILE A 25 19.90 10.01 20.33
CA ILE A 25 20.08 11.13 21.27
C ILE A 25 21.20 10.78 22.25
N MET A 26 21.15 9.55 22.82
CA MET A 26 22.12 9.02 23.77
C MET A 26 23.41 8.59 23.11
N HIS A 27 23.36 8.21 21.82
CA HIS A 27 24.57 7.75 21.15
C HIS A 27 24.73 8.32 19.75
N GLU A 28 25.66 9.27 19.62
CA GLU A 28 26.13 9.81 18.34
C GLU A 28 27.17 8.81 17.86
N GLU A 29 27.57 8.82 16.60
CA GLU A 29 28.60 7.90 16.11
C GLU A 29 29.91 8.07 16.88
N GLY A 30 30.46 6.96 17.37
CA GLY A 30 31.73 6.95 18.11
C GLY A 30 31.70 7.51 19.52
N GLU A 31 30.51 7.82 20.05
CA GLU A 31 30.36 8.39 21.39
C GLU A 31 30.53 7.34 22.50
N VAL A 32 31.31 7.72 23.50
CA VAL A 32 31.57 6.96 24.71
C VAL A 32 30.55 7.37 25.78
N ASP A 33 30.09 6.39 26.56
CA ASP A 33 29.25 6.63 27.75
C ASP A 33 29.71 5.67 28.85
N GLY A 34 29.25 5.89 30.06
CA GLY A 34 29.59 5.03 31.20
C GLY A 34 28.43 4.20 31.64
N LYS A 35 27.53 3.83 30.72
CA LYS A 35 26.39 2.99 31.04
C LYS A 35 26.59 1.59 30.46
N ALA A 36 26.67 0.58 31.32
CA ALA A 36 26.83 -0.81 30.89
C ALA A 36 25.55 -1.29 30.21
N ILE A 37 25.62 -1.73 28.96
CA ILE A 37 24.41 -2.25 28.31
C ILE A 37 24.20 -3.69 28.78
N PRO A 38 22.99 -4.08 29.26
CA PRO A 38 22.80 -5.48 29.69
C PRO A 38 22.93 -6.44 28.51
N ASP A 39 22.98 -7.75 28.79
CA ASP A 39 23.13 -8.79 27.77
C ASP A 39 21.95 -8.75 26.77
N LEU A 40 22.24 -8.48 25.48
CA LEU A 40 21.19 -8.37 24.45
C LEU A 40 21.04 -9.64 23.62
N THR A 41 21.75 -10.75 23.98
CA THR A 41 21.68 -12.00 23.22
C THR A 41 20.24 -12.48 22.95
N ALA A 42 19.40 -12.62 23.99
CA ALA A 42 18.02 -13.12 23.84
C ALA A 42 17.10 -12.11 23.06
N PRO A 43 17.01 -10.78 23.38
CA PRO A 43 16.18 -9.90 22.52
C PRO A 43 16.63 -9.88 21.05
N VAL A 44 17.95 -9.94 20.78
CA VAL A 44 18.47 -9.96 19.40
C VAL A 44 18.09 -11.30 18.73
N ALA A 45 18.15 -12.41 19.46
CA ALA A 45 17.75 -13.72 18.90
C ALA A 45 16.29 -13.69 18.46
N ALA A 46 15.41 -12.94 19.18
CA ALA A 46 13.99 -12.79 18.78
C ALA A 46 13.90 -11.93 17.49
N VAL A 47 14.78 -10.93 17.33
CA VAL A 47 14.80 -10.11 16.10
C VAL A 47 15.22 -11.04 14.95
N GLN A 48 16.26 -11.87 15.20
CA GLN A 48 16.78 -12.83 14.24
C GLN A 48 15.68 -13.78 13.77
N ALA A 49 14.87 -14.33 14.70
CA ALA A 49 13.76 -15.24 14.35
C ALA A 49 12.70 -14.49 13.52
N ALA A 50 12.36 -13.23 13.89
CA ALA A 50 11.36 -12.45 13.16
C ALA A 50 11.84 -12.09 11.75
N VAL A 51 13.15 -11.80 11.59
CA VAL A 51 13.78 -11.49 10.29
C VAL A 51 13.67 -12.72 9.35
N SER A 52 14.14 -13.91 9.80
N SER A 52 14.14 -13.90 9.81
CA SER A 52 14.13 -15.14 8.99
CA SER A 52 14.12 -15.14 9.02
C SER A 52 12.70 -15.48 8.55
C SER A 52 12.70 -15.48 8.57
N ASN A 53 11.71 -15.24 9.44
CA ASN A 53 10.30 -15.47 9.16
C ASN A 53 9.80 -14.47 8.11
N LEU A 54 10.20 -13.18 8.20
CA LEU A 54 9.80 -12.18 7.23
C LEU A 54 10.37 -12.52 5.84
N VAL A 55 11.64 -12.92 5.79
CA VAL A 55 12.35 -13.31 4.55
C VAL A 55 11.69 -14.59 3.94
N ARG A 56 11.33 -15.59 4.78
CA ARG A 56 10.65 -16.83 4.36
C ARG A 56 9.31 -16.50 3.65
N VAL A 57 8.46 -15.65 4.26
CA VAL A 57 7.17 -15.22 3.70
C VAL A 57 7.43 -14.47 2.38
N GLY A 58 8.38 -13.53 2.38
CA GLY A 58 8.75 -12.75 1.21
C GLY A 58 9.19 -13.60 0.03
N LYS A 59 10.07 -14.59 0.30
CA LYS A 59 10.60 -15.52 -0.70
C LYS A 59 9.51 -16.40 -1.31
N GLU A 60 8.47 -16.77 -0.52
CA GLU A 60 7.32 -17.56 -0.98
C GLU A 60 6.50 -16.75 -1.99
N THR A 61 6.41 -15.42 -1.78
CA THR A 61 5.72 -14.51 -2.69
C THR A 61 6.48 -14.46 -4.04
N VAL A 62 7.81 -14.22 -4.00
CA VAL A 62 8.68 -14.15 -5.18
C VAL A 62 8.63 -15.47 -6.00
N GLN A 63 8.53 -16.62 -5.32
CA GLN A 63 8.50 -17.93 -5.98
C GLN A 63 7.15 -18.20 -6.67
N THR A 64 6.03 -17.65 -6.16
CA THR A 64 4.70 -17.95 -6.71
C THR A 64 4.08 -16.82 -7.56
N THR A 65 4.45 -15.55 -7.30
CA THR A 65 3.88 -14.38 -7.98
C THR A 65 4.10 -14.34 -9.50
N GLU A 66 3.27 -13.55 -10.18
CA GLU A 66 3.33 -13.26 -11.61
C GLU A 66 3.74 -11.79 -11.79
N ASP A 67 3.80 -11.04 -10.67
CA ASP A 67 4.19 -9.62 -10.66
C ASP A 67 5.70 -9.54 -10.77
N GLN A 68 6.18 -9.06 -11.94
CA GLN A 68 7.59 -8.92 -12.27
C GLN A 68 8.27 -7.86 -11.41
N ILE A 69 7.54 -6.83 -10.96
CA ILE A 69 8.09 -5.77 -10.10
C ILE A 69 8.40 -6.34 -8.73
N LEU A 70 7.55 -7.25 -8.20
CA LEU A 70 7.78 -7.92 -6.90
C LEU A 70 9.02 -8.79 -6.97
N LYS A 71 9.13 -9.60 -8.05
CA LYS A 71 10.29 -10.49 -8.27
C LYS A 71 11.58 -9.69 -8.33
N ARG A 72 11.51 -8.45 -8.82
CA ARG A 72 12.66 -7.57 -8.95
C ARG A 72 12.96 -6.80 -7.65
N ASP A 73 11.93 -6.21 -7.00
CA ASP A 73 12.18 -5.33 -5.84
C ASP A 73 12.20 -6.01 -4.47
N MET A 74 11.60 -7.20 -4.31
CA MET A 74 11.64 -7.85 -2.99
C MET A 74 13.02 -8.47 -2.63
N PRO A 75 13.72 -9.23 -3.52
CA PRO A 75 15.02 -9.82 -3.13
C PRO A 75 16.07 -8.82 -2.60
N PRO A 76 16.26 -7.57 -3.13
CA PRO A 76 17.27 -6.68 -2.51
C PRO A 76 16.94 -6.31 -1.07
N ALA A 77 15.63 -6.18 -0.73
CA ALA A 77 15.17 -5.85 0.62
C ALA A 77 15.48 -6.99 1.61
N PHE A 78 15.49 -8.26 1.14
CA PHE A 78 15.85 -9.41 1.97
C PHE A 78 17.30 -9.30 2.40
N ILE A 79 18.20 -8.95 1.44
CA ILE A 79 19.64 -8.77 1.71
C ILE A 79 19.82 -7.64 2.73
N LYS A 80 19.08 -6.54 2.58
CA LYS A 80 19.16 -5.38 3.48
C LYS A 80 18.88 -5.78 4.92
N VAL A 81 17.74 -6.45 5.15
CA VAL A 81 17.29 -6.88 6.48
C VAL A 81 18.24 -7.96 7.07
N GLU A 82 18.74 -8.90 6.23
CA GLU A 82 19.65 -9.96 6.69
C GLU A 82 21.03 -9.39 7.11
N ASN A 83 21.59 -8.43 6.32
CA ASN A 83 22.87 -7.77 6.63
C ASN A 83 22.76 -6.97 7.92
N ALA A 84 21.63 -6.26 8.08
CA ALA A 84 21.34 -5.44 9.25
C ALA A 84 21.16 -6.31 10.49
N CYS A 85 20.53 -7.47 10.34
CA CYS A 85 20.34 -8.40 11.44
C CYS A 85 21.68 -8.97 11.91
N THR A 86 22.61 -9.23 10.98
CA THR A 86 23.96 -9.73 11.32
C THR A 86 24.70 -8.69 12.19
N LYS A 87 24.55 -7.38 11.91
CA LYS A 87 25.16 -6.32 12.73
C LYS A 87 24.59 -6.33 14.15
N LEU A 88 23.28 -6.62 14.31
CA LEU A 88 22.69 -6.68 15.65
C LEU A 88 23.20 -7.89 16.45
N VAL A 89 23.40 -9.05 15.76
CA VAL A 89 23.93 -10.28 16.38
C VAL A 89 25.34 -10.00 16.85
N GLN A 90 26.15 -9.32 16.01
CA GLN A 90 27.51 -8.94 16.33
C GLN A 90 27.53 -7.96 17.48
N ALA A 91 26.66 -6.91 17.46
CA ALA A 91 26.59 -5.92 18.56
C ALA A 91 26.34 -6.62 19.89
N ALA A 92 25.39 -7.57 19.93
CA ALA A 92 25.06 -8.32 21.15
C ALA A 92 26.28 -9.14 21.64
N GLN A 93 27.02 -9.77 20.70
CA GLN A 93 28.22 -10.56 21.04
C GLN A 93 29.33 -9.67 21.59
N MET A 94 29.54 -8.48 20.99
CA MET A 94 30.56 -7.52 21.44
C MET A 94 30.25 -6.97 22.84
N LEU A 95 28.95 -6.71 23.11
CA LEU A 95 28.48 -6.14 24.38
C LEU A 95 28.53 -7.14 25.52
N GLN A 96 28.41 -8.43 25.19
CA GLN A 96 28.50 -9.52 26.17
C GLN A 96 29.91 -9.50 26.81
N SER A 97 30.96 -9.29 26.00
CA SER A 97 32.33 -9.23 26.52
C SER A 97 32.66 -7.83 27.05
N ASP A 98 32.12 -6.78 26.42
CA ASP A 98 32.40 -5.41 26.88
C ASP A 98 31.10 -4.59 26.87
N PRO A 99 30.39 -4.45 28.02
CA PRO A 99 29.12 -3.70 28.02
C PRO A 99 29.25 -2.22 27.68
N TYR A 100 30.47 -1.69 27.60
CA TYR A 100 30.77 -0.30 27.27
C TYR A 100 31.23 -0.12 25.84
N SER A 101 31.25 -1.21 25.04
CA SER A 101 31.76 -1.21 23.66
C SER A 101 31.15 -0.10 22.80
N VAL A 102 32.00 0.81 22.32
CA VAL A 102 31.58 1.91 21.43
C VAL A 102 31.24 1.32 20.03
N PRO A 103 32.09 0.44 19.42
CA PRO A 103 31.72 -0.14 18.11
C PRO A 103 30.40 -0.92 18.17
N ALA A 104 30.05 -1.55 19.30
CA ALA A 104 28.78 -2.28 19.44
C ALA A 104 27.58 -1.32 19.43
N ARG A 105 27.72 -0.12 20.05
CA ARG A 105 26.69 0.91 20.07
C ARG A 105 26.44 1.41 18.64
N ASP A 106 27.52 1.59 17.84
CA ASP A 106 27.40 1.99 16.43
C ASP A 106 26.71 0.90 15.61
N TYR A 107 27.02 -0.39 15.87
CA TYR A 107 26.39 -1.53 15.20
C TYR A 107 24.89 -1.62 15.56
N LEU A 108 24.54 -1.28 16.82
CA LEU A 108 23.13 -1.26 17.26
C LEU A 108 22.31 -0.28 16.45
N ILE A 109 22.83 0.94 16.27
CA ILE A 109 22.16 2.01 15.52
C ILE A 109 22.14 1.63 14.05
N ASP A 110 23.29 1.22 13.47
CA ASP A 110 23.33 0.86 12.05
C ASP A 110 22.42 -0.36 11.75
N GLY A 111 22.47 -1.36 12.61
CA GLY A 111 21.67 -2.58 12.47
C GLY A 111 20.19 -2.27 12.51
N SER A 112 19.77 -1.48 13.51
CA SER A 112 18.38 -1.06 13.70
C SER A 112 17.89 -0.24 12.50
N ARG A 113 18.72 0.70 12.03
CA ARG A 113 18.37 1.51 10.85
C ARG A 113 18.19 0.65 9.61
N GLY A 114 19.04 -0.38 9.45
CA GLY A 114 18.98 -1.29 8.31
C GLY A 114 17.74 -2.15 8.32
N ILE A 115 17.31 -2.58 9.52
CA ILE A 115 16.08 -3.36 9.68
C ILE A 115 14.89 -2.50 9.28
N LEU A 116 14.83 -1.28 9.82
CA LEU A 116 13.75 -0.35 9.52
C LEU A 116 13.69 -0.03 8.01
N SER A 117 14.84 0.28 7.38
CA SER A 117 14.93 0.61 5.95
C SER A 117 14.51 -0.55 5.04
N GLY A 118 15.01 -1.76 5.31
CA GLY A 118 14.63 -2.94 4.52
C GLY A 118 13.17 -3.35 4.69
N THR A 119 12.62 -3.19 5.92
CA THR A 119 11.19 -3.49 6.19
C THR A 119 10.33 -2.45 5.48
N SER A 120 10.78 -1.20 5.46
CA SER A 120 10.09 -0.12 4.77
C SER A 120 10.02 -0.41 3.26
N ASP A 121 11.14 -0.90 2.67
CA ASP A 121 11.23 -1.26 1.25
C ASP A 121 10.24 -2.36 0.90
N LEU A 122 10.21 -3.47 1.69
CA LEU A 122 9.28 -4.58 1.50
C LEU A 122 7.84 -4.12 1.60
N LEU A 123 7.50 -3.29 2.60
CA LEU A 123 6.12 -2.82 2.77
C LEU A 123 5.66 -1.88 1.63
N LEU A 124 6.54 -1.02 1.12
CA LEU A 124 6.21 -0.08 0.04
C LEU A 124 6.03 -0.86 -1.26
N THR A 125 6.88 -1.89 -1.49
CA THR A 125 6.82 -2.79 -2.65
C THR A 125 5.48 -3.55 -2.61
N PHE A 126 5.08 -4.04 -1.41
CA PHE A 126 3.81 -4.74 -1.19
C PHE A 126 2.64 -3.79 -1.47
N ASP A 127 2.71 -2.55 -0.93
CA ASP A 127 1.67 -1.55 -1.11
C ASP A 127 1.50 -1.17 -2.59
N GLU A 128 2.62 -1.08 -3.33
CA GLU A 128 2.60 -0.73 -4.75
C GLU A 128 1.88 -1.80 -5.59
N ALA A 129 2.05 -3.09 -5.21
CA ALA A 129 1.39 -4.24 -5.84
C ALA A 129 -0.09 -4.19 -5.58
N GLU A 130 -0.48 -3.76 -4.36
CA GLU A 130 -1.88 -3.63 -3.95
C GLU A 130 -2.58 -2.53 -4.76
N VAL A 131 -1.86 -1.41 -4.98
CA VAL A 131 -2.34 -0.28 -5.78
C VAL A 131 -2.56 -0.76 -7.22
N ARG A 132 -1.63 -1.58 -7.78
CA ARG A 132 -1.78 -2.13 -9.14
C ARG A 132 -3.07 -2.94 -9.26
N LYS A 133 -3.44 -3.73 -8.22
CA LYS A 133 -4.68 -4.51 -8.20
C LYS A 133 -5.88 -3.59 -8.23
N ILE A 134 -5.85 -2.51 -7.43
CA ILE A 134 -6.95 -1.52 -7.41
C ILE A 134 -7.11 -0.90 -8.80
N ILE A 135 -6.00 -0.51 -9.45
CA ILE A 135 -6.01 0.11 -10.79
C ILE A 135 -6.62 -0.85 -11.83
N ARG A 136 -6.36 -2.17 -11.71
CA ARG A 136 -6.91 -3.19 -12.60
C ARG A 136 -8.44 -3.17 -12.52
N VAL A 137 -8.99 -3.06 -11.31
CA VAL A 137 -10.45 -2.97 -11.07
C VAL A 137 -10.99 -1.65 -11.74
N CYS A 138 -10.27 -0.52 -11.55
CA CYS A 138 -10.63 0.77 -12.17
C CYS A 138 -10.65 0.64 -13.71
N LYS A 139 -9.63 -0.02 -14.29
CA LYS A 139 -9.52 -0.20 -15.73
C LYS A 139 -10.62 -1.11 -16.29
N GLY A 140 -11.07 -2.08 -15.50
CA GLY A 140 -12.18 -2.98 -15.85
C GLY A 140 -13.46 -2.20 -16.05
N ILE A 141 -13.74 -1.25 -15.13
CA ILE A 141 -14.90 -0.34 -15.21
C ILE A 141 -14.76 0.54 -16.45
N LEU A 142 -13.56 1.12 -16.69
CA LEU A 142 -13.29 1.95 -17.88
C LEU A 142 -13.59 1.19 -19.18
N GLU A 143 -13.14 -0.08 -19.26
CA GLU A 143 -13.36 -0.95 -20.42
C GLU A 143 -14.86 -1.23 -20.65
N TYR A 144 -15.60 -1.55 -19.57
CA TYR A 144 -17.03 -1.86 -19.75
C TYR A 144 -17.83 -0.60 -20.05
N LEU A 145 -17.33 0.57 -19.64
CA LEU A 145 -17.98 1.84 -19.98
C LEU A 145 -17.95 2.05 -21.50
N THR A 146 -16.89 1.57 -22.19
CA THR A 146 -16.80 1.67 -23.66
C THR A 146 -17.87 0.80 -24.33
N VAL A 147 -18.42 -0.21 -23.62
CA VAL A 147 -19.47 -1.09 -24.17
C VAL A 147 -20.85 -0.38 -24.19
N ALA A 148 -21.05 0.67 -23.36
CA ALA A 148 -22.33 1.39 -23.28
C ALA A 148 -22.81 1.86 -24.66
N GLU A 149 -21.89 2.33 -25.52
CA GLU A 149 -22.24 2.85 -26.85
C GLU A 149 -22.89 1.82 -27.79
N VAL A 150 -22.69 0.50 -27.54
CA VAL A 150 -23.21 -0.58 -28.38
C VAL A 150 -24.55 -1.13 -27.84
N VAL A 151 -25.03 -0.64 -26.67
CA VAL A 151 -26.29 -1.12 -26.09
C VAL A 151 -27.45 -0.47 -26.87
N GLU A 152 -28.29 -1.27 -27.56
CA GLU A 152 -29.33 -0.68 -28.40
C GLU A 152 -30.73 -1.16 -28.11
N THR A 153 -30.90 -2.12 -27.21
CA THR A 153 -32.22 -2.64 -26.86
C THR A 153 -32.40 -2.57 -25.36
N MET A 154 -33.65 -2.57 -24.89
CA MET A 154 -33.97 -2.54 -23.46
C MET A 154 -33.48 -3.84 -22.79
N GLU A 155 -33.59 -4.99 -23.48
CA GLU A 155 -33.11 -6.27 -22.96
C GLU A 155 -31.60 -6.20 -22.69
N ASP A 156 -30.85 -5.60 -23.62
CA ASP A 156 -29.40 -5.45 -23.47
C ASP A 156 -29.04 -4.42 -22.41
N LEU A 157 -29.91 -3.41 -22.19
CA LEU A 157 -29.66 -2.42 -21.16
C LEU A 157 -29.84 -3.05 -19.77
N VAL A 158 -30.85 -3.92 -19.63
CA VAL A 158 -31.07 -4.63 -18.36
C VAL A 158 -29.82 -5.45 -18.02
N THR A 159 -29.26 -6.18 -19.01
CA THR A 159 -28.03 -7.01 -18.85
C THR A 159 -26.84 -6.13 -18.46
N TYR A 160 -26.67 -5.00 -19.18
CA TYR A 160 -25.59 -4.04 -18.93
C TYR A 160 -25.62 -3.51 -17.50
N THR A 161 -26.78 -3.08 -17.01
CA THR A 161 -26.89 -2.52 -15.65
C THR A 161 -26.69 -3.59 -14.61
N LYS A 162 -27.08 -4.84 -14.92
CA LYS A 162 -26.90 -5.94 -13.97
C LYS A 162 -25.43 -6.27 -13.77
N ASN A 163 -24.56 -5.98 -14.75
CA ASN A 163 -23.13 -6.19 -14.56
C ASN A 163 -22.47 -4.95 -13.98
N LEU A 164 -22.78 -3.77 -14.53
CA LEU A 164 -22.15 -2.51 -14.14
C LEU A 164 -22.48 -2.06 -12.69
N GLY A 165 -23.73 -2.21 -12.26
CA GLY A 165 -24.20 -1.81 -10.92
C GLY A 165 -23.34 -2.40 -9.81
N PRO A 166 -23.33 -3.75 -9.67
CA PRO A 166 -22.49 -4.36 -8.62
C PRO A 166 -20.99 -4.11 -8.81
N GLY A 167 -20.54 -4.00 -10.06
CA GLY A 167 -19.15 -3.73 -10.41
C GLY A 167 -18.68 -2.38 -9.91
N MET A 168 -19.56 -1.38 -10.01
CA MET A 168 -19.32 -0.02 -9.54
C MET A 168 -19.32 -0.01 -8.00
N THR A 169 -20.23 -0.77 -7.38
CA THR A 169 -20.32 -0.89 -5.91
C THR A 169 -18.98 -1.41 -5.38
N LYS A 170 -18.37 -2.40 -6.06
CA LYS A 170 -17.09 -2.98 -5.71
C LYS A 170 -16.00 -1.90 -5.83
N MET A 171 -15.93 -1.21 -6.98
CA MET A 171 -14.93 -0.15 -7.18
C MET A 171 -15.05 0.93 -6.08
N ALA A 172 -16.29 1.42 -5.79
CA ALA A 172 -16.54 2.43 -4.74
C ALA A 172 -16.01 1.97 -3.37
N LYS A 173 -16.28 0.71 -2.98
CA LYS A 173 -15.86 0.11 -1.73
C LYS A 173 -14.32 0.08 -1.64
N MET A 174 -13.64 -0.28 -2.75
CA MET A 174 -12.20 -0.35 -2.87
C MET A 174 -11.52 1.01 -2.71
N ILE A 175 -12.08 2.07 -3.33
CA ILE A 175 -11.54 3.42 -3.28
C ILE A 175 -11.77 3.98 -1.89
N ASP A 176 -12.91 3.63 -1.27
CA ASP A 176 -13.25 4.07 0.09
C ASP A 176 -12.22 3.55 1.09
N GLU A 177 -11.87 2.26 0.98
CA GLU A 177 -10.89 1.63 1.88
C GLU A 177 -9.49 2.18 1.63
N ARG A 178 -9.14 2.40 0.35
CA ARG A 178 -7.84 2.94 -0.01
C ARG A 178 -7.65 4.39 0.49
N GLN A 179 -8.66 5.28 0.28
CA GLN A 179 -8.54 6.66 0.75
C GLN A 179 -8.37 6.72 2.28
N GLN A 180 -9.04 5.82 3.03
CA GLN A 180 -8.98 5.73 4.49
C GLN A 180 -7.58 5.39 4.99
N GLU A 181 -6.84 4.59 4.21
CA GLU A 181 -5.48 4.15 4.52
C GLU A 181 -4.43 5.22 4.20
N LEU A 182 -4.76 6.21 3.34
CA LEU A 182 -3.76 7.21 2.95
C LEU A 182 -3.48 8.21 4.07
N THR A 183 -2.22 8.66 4.15
CA THR A 183 -1.77 9.59 5.19
C THR A 183 -1.84 11.04 4.67
N HIS A 184 -1.72 11.24 3.35
CA HIS A 184 -1.79 12.57 2.77
C HIS A 184 -3.23 12.92 2.49
N GLN A 185 -3.75 13.86 3.31
CA GLN A 185 -5.13 14.37 3.31
C GLN A 185 -5.57 14.88 1.95
N GLU A 186 -4.70 15.67 1.25
CA GLU A 186 -4.98 16.23 -0.08
C GLU A 186 -5.27 15.10 -1.12
N HIS A 187 -4.57 13.96 -0.98
CA HIS A 187 -4.78 12.81 -1.87
C HIS A 187 -6.13 12.13 -1.56
N ARG A 188 -6.51 12.02 -0.26
CA ARG A 188 -7.77 11.42 0.18
C ARG A 188 -8.98 12.19 -0.35
N VAL A 189 -8.93 13.54 -0.27
CA VAL A 189 -9.99 14.46 -0.73
C VAL A 189 -10.21 14.27 -2.23
N MET A 190 -9.11 14.24 -3.01
CA MET A 190 -9.13 14.05 -4.45
C MET A 190 -9.80 12.74 -4.84
N LEU A 191 -9.48 11.62 -4.12
CA LEU A 191 -10.08 10.31 -4.38
C LEU A 191 -11.56 10.29 -4.05
N VAL A 192 -11.95 10.83 -2.87
CA VAL A 192 -13.33 10.88 -2.37
C VAL A 192 -14.21 11.66 -3.35
N ASN A 193 -13.77 12.85 -3.77
CA ASN A 193 -14.51 13.71 -4.71
C ASN A 193 -14.63 13.04 -6.08
N SER A 194 -13.52 12.45 -6.58
CA SER A 194 -13.52 11.76 -7.87
C SER A 194 -14.48 10.58 -7.85
N MET A 195 -14.43 9.75 -6.78
CA MET A 195 -15.30 8.57 -6.62
C MET A 195 -16.78 8.97 -6.44
N ASN A 196 -17.04 10.12 -5.79
CA ASN A 196 -18.41 10.60 -5.59
C ASN A 196 -19.03 11.06 -6.91
N THR A 197 -18.26 11.80 -7.76
CA THR A 197 -18.68 12.26 -9.09
C THR A 197 -19.04 11.02 -9.96
N VAL A 198 -18.21 9.94 -9.92
CA VAL A 198 -18.45 8.70 -10.67
C VAL A 198 -19.77 8.06 -10.21
N LYS A 199 -19.98 7.93 -8.87
CA LYS A 199 -21.20 7.34 -8.28
C LYS A 199 -22.48 8.07 -8.71
N GLU A 200 -22.45 9.43 -8.69
CA GLU A 200 -23.57 10.28 -9.05
C GLU A 200 -23.87 10.23 -10.55
N LEU A 201 -22.83 10.03 -11.40
CA LEU A 201 -23.03 9.99 -12.84
C LEU A 201 -23.60 8.66 -13.32
N LEU A 202 -23.48 7.55 -12.53
CA LEU A 202 -24.00 6.24 -12.94
C LEU A 202 -25.53 6.28 -13.22
N PRO A 203 -26.42 6.79 -12.31
CA PRO A 203 -27.86 6.81 -12.65
C PRO A 203 -28.16 7.75 -13.80
N VAL A 204 -27.31 8.79 -14.00
CA VAL A 204 -27.39 9.78 -15.08
C VAL A 204 -27.14 9.02 -16.39
N LEU A 205 -26.09 8.19 -16.46
CA LEU A 205 -25.76 7.35 -17.61
C LEU A 205 -26.92 6.41 -17.97
N ILE A 206 -27.44 5.66 -16.97
CA ILE A 206 -28.51 4.66 -17.18
C ILE A 206 -29.77 5.38 -17.70
N SER A 207 -30.10 6.56 -17.13
CA SER A 207 -31.24 7.37 -17.61
C SER A 207 -31.07 7.71 -19.10
N ALA A 208 -29.88 8.21 -19.51
CA ALA A 208 -29.61 8.56 -20.91
C ALA A 208 -29.73 7.33 -21.81
N MET A 209 -29.21 6.17 -21.35
N MET A 209 -29.18 6.17 -21.37
CA MET A 209 -29.28 4.90 -22.08
CA MET A 209 -29.25 4.92 -22.13
C MET A 209 -30.75 4.44 -22.23
C MET A 209 -30.70 4.42 -22.28
N LYS A 210 -31.60 4.65 -21.19
N LYS A 210 -31.56 4.62 -21.25
CA LYS A 210 -33.03 4.29 -21.23
CA LYS A 210 -32.99 4.25 -21.31
C LYS A 210 -33.73 5.06 -22.35
C LYS A 210 -33.70 5.05 -22.39
N ILE A 211 -33.45 6.37 -22.44
CA ILE A 211 -34.07 7.25 -23.46
C ILE A 211 -33.51 6.89 -24.84
N PHE A 212 -32.18 6.63 -24.94
CA PHE A 212 -31.55 6.25 -26.22
C PHE A 212 -32.20 5.02 -26.83
N VAL A 213 -32.28 3.95 -26.05
CA VAL A 213 -32.84 2.68 -26.44
C VAL A 213 -34.33 2.80 -26.81
N THR A 214 -35.09 3.64 -26.10
CA THR A 214 -36.53 3.73 -26.36
C THR A 214 -36.88 4.68 -27.51
N THR A 215 -35.98 5.60 -27.86
CA THR A 215 -36.21 6.54 -28.97
C THR A 215 -35.36 6.20 -30.24
N LYS A 216 -34.59 5.08 -30.20
N LYS A 216 -34.60 5.08 -30.19
CA LYS A 216 -33.67 4.62 -31.24
CA LYS A 216 -33.69 4.56 -31.23
C LYS A 216 -34.25 4.65 -32.67
C LYS A 216 -34.26 4.66 -32.65
N ASN A 217 -35.39 3.99 -32.92
CA ASN A 217 -35.99 3.97 -34.25
C ASN A 217 -37.30 4.80 -34.32
N SER A 218 -37.15 6.13 -34.19
CA SER A 218 -38.25 7.09 -34.24
C SER A 218 -37.82 8.37 -34.98
N LYS A 219 -38.74 8.95 -35.77
CA LYS A 219 -38.53 10.15 -36.58
C LYS A 219 -38.46 11.42 -35.71
N ASN A 220 -39.54 11.69 -34.94
CA ASN A 220 -39.71 12.84 -34.04
C ASN A 220 -38.82 12.76 -32.78
N GLN A 221 -38.26 11.56 -32.52
CA GLN A 221 -37.42 11.14 -31.40
C GLN A 221 -36.36 12.12 -30.92
N GLY A 222 -36.07 12.00 -29.62
CA GLY A 222 -35.04 12.75 -28.93
C GLY A 222 -33.79 11.92 -28.72
N ILE A 223 -33.47 11.03 -29.71
CA ILE A 223 -32.30 10.15 -29.72
C ILE A 223 -31.01 10.91 -29.68
N GLU A 224 -30.93 11.97 -30.50
CA GLU A 224 -29.76 12.83 -30.65
C GLU A 224 -29.32 13.35 -29.29
N GLU A 225 -30.25 13.92 -28.50
CA GLU A 225 -29.99 14.47 -27.16
C GLU A 225 -29.57 13.33 -26.21
N ALA A 226 -30.21 12.16 -26.32
CA ALA A 226 -29.95 10.96 -25.52
C ALA A 226 -28.56 10.41 -25.81
N LEU A 227 -28.21 10.21 -27.11
CA LEU A 227 -26.89 9.72 -27.54
C LEU A 227 -25.78 10.69 -27.09
N LYS A 228 -26.03 12.01 -27.17
CA LYS A 228 -25.11 13.06 -26.75
C LYS A 228 -24.92 13.00 -25.23
N ASN A 229 -26.03 12.89 -24.46
CA ASN A 229 -25.98 12.80 -22.99
C ASN A 229 -25.27 11.54 -22.55
N ARG A 230 -25.48 10.42 -23.28
CA ARG A 230 -24.82 9.14 -22.96
C ARG A 230 -23.29 9.26 -23.15
N ASN A 231 -22.82 9.69 -24.34
CA ASN A 231 -21.39 9.87 -24.67
C ASN A 231 -20.71 10.87 -23.74
N PHE A 232 -21.42 11.96 -23.36
CA PHE A 232 -20.89 12.97 -22.44
C PHE A 232 -20.71 12.38 -21.04
N THR A 233 -21.70 11.59 -20.55
CA THR A 233 -21.63 10.98 -19.22
C THR A 233 -20.50 9.94 -19.16
N VAL A 234 -20.33 9.11 -20.22
CA VAL A 234 -19.24 8.11 -20.31
C VAL A 234 -17.87 8.83 -20.26
N GLU A 235 -17.71 9.94 -21.02
CA GLU A 235 -16.47 10.74 -21.07
C GLU A 235 -16.12 11.32 -19.67
N LYS A 236 -17.11 11.94 -18.98
CA LYS A 236 -16.92 12.52 -17.66
C LYS A 236 -16.58 11.44 -16.64
N MET A 237 -17.29 10.28 -16.66
CA MET A 237 -17.01 9.17 -15.76
C MET A 237 -15.59 8.63 -16.01
N SER A 238 -15.20 8.50 -17.29
CA SER A 238 -13.88 7.97 -17.67
C SER A 238 -12.74 8.89 -17.22
N ALA A 239 -12.92 10.23 -17.36
CA ALA A 239 -11.91 11.21 -16.94
C ALA A 239 -11.74 11.16 -15.42
N GLU A 240 -12.84 10.98 -14.66
CA GLU A 240 -12.75 10.90 -13.18
C GLU A 240 -12.09 9.62 -12.71
N ILE A 241 -12.30 8.49 -13.42
CA ILE A 241 -11.68 7.21 -13.04
C ILE A 241 -10.18 7.29 -13.32
N ASN A 242 -9.81 7.91 -14.45
CA ASN A 242 -8.41 8.13 -14.85
C ASN A 242 -7.72 9.08 -13.88
N GLU A 243 -8.51 10.00 -13.28
CA GLU A 243 -7.99 10.89 -12.25
C GLU A 243 -7.72 10.07 -10.98
N ILE A 244 -8.64 9.13 -10.63
CA ILE A 244 -8.48 8.21 -9.49
C ILE A 244 -7.19 7.37 -9.67
N ILE A 245 -6.96 6.80 -10.87
CA ILE A 245 -5.78 5.99 -11.17
C ILE A 245 -4.49 6.83 -10.97
N ARG A 246 -4.47 8.08 -11.45
CA ARG A 246 -3.34 9.00 -11.32
C ARG A 246 -3.09 9.31 -9.83
N VAL A 247 -4.15 9.66 -9.07
CA VAL A 247 -4.04 10.00 -7.65
C VAL A 247 -3.53 8.80 -6.88
N LEU A 248 -4.05 7.58 -7.17
CA LEU A 248 -3.66 6.34 -6.50
C LEU A 248 -2.13 6.07 -6.54
N GLN A 249 -1.42 6.61 -7.54
CA GLN A 249 0.02 6.42 -7.77
C GLN A 249 0.90 7.61 -7.32
N LEU A 250 0.28 8.66 -6.75
CA LEU A 250 0.98 9.86 -6.28
C LEU A 250 1.83 9.55 -5.04
N THR A 251 3.03 10.16 -5.00
CA THR A 251 4.03 10.08 -3.94
C THR A 251 4.38 11.54 -3.55
N SER A 252 4.44 11.82 -2.24
CA SER A 252 4.75 13.16 -1.74
C SER A 252 6.28 13.34 -1.56
N TRP A 253 6.74 14.62 -1.51
CA TRP A 253 8.15 15.00 -1.36
CA TRP A 253 8.15 14.99 -1.37
C TRP A 253 8.78 14.51 -0.03
N ASP A 254 7.96 13.90 0.86
CA ASP A 254 8.44 13.37 2.15
C ASP A 254 8.43 11.81 2.15
N GLU A 255 9.59 11.13 1.91
CA GLU A 255 10.90 11.71 1.62
C GLU A 255 11.25 11.52 0.13
N GLY B 1 0.59 -20.26 -0.61
CA GLY B 1 0.93 -20.50 0.79
C GLY B 1 0.35 -19.46 1.73
N SER B 2 -0.83 -19.79 2.33
CA SER B 2 -1.54 -18.92 3.26
C SER B 2 -1.50 -19.46 4.70
N HIS B 3 -0.52 -18.96 5.49
CA HIS B 3 -0.31 -19.32 6.90
C HIS B 3 -0.07 -18.03 7.70
N MET B 4 0.82 -17.16 7.19
CA MET B 4 1.19 -15.85 7.73
C MET B 4 1.60 -14.98 6.53
N ASN B 5 0.94 -13.82 6.36
CA ASN B 5 1.26 -12.95 5.25
C ASN B 5 2.44 -12.01 5.63
N LEU B 6 2.85 -11.16 4.67
CA LEU B 6 3.99 -10.25 4.83
C LEU B 6 3.72 -9.21 5.92
N LEU B 7 2.48 -8.66 6.00
CA LEU B 7 2.05 -7.64 6.98
C LEU B 7 2.20 -8.20 8.41
N ASN B 8 1.72 -9.43 8.64
CA ASN B 8 1.81 -10.13 9.94
C ASN B 8 3.28 -10.37 10.35
N ALA B 9 4.11 -10.79 9.39
CA ALA B 9 5.54 -11.05 9.63
C ALA B 9 6.28 -9.72 9.91
N ALA B 10 5.92 -8.63 9.18
CA ALA B 10 6.52 -7.31 9.40
C ALA B 10 6.12 -6.77 10.80
N THR B 11 4.86 -7.02 11.21
CA THR B 11 4.32 -6.63 12.53
C THR B 11 5.10 -7.35 13.64
N ALA B 12 5.30 -8.68 13.52
CA ALA B 12 6.06 -9.45 14.52
C ALA B 12 7.50 -8.92 14.60
N LEU B 13 8.08 -8.53 13.45
CA LEU B 13 9.43 -7.96 13.40
C LEU B 13 9.46 -6.59 14.08
N SER B 14 8.42 -5.76 13.86
CA SER B 14 8.33 -4.45 14.54
C SER B 14 8.31 -4.62 16.05
N GLY B 15 7.47 -5.54 16.52
CA GLY B 15 7.35 -5.88 17.95
C GLY B 15 8.64 -6.33 18.59
N SER B 16 9.42 -7.16 17.88
CA SER B 16 10.70 -7.65 18.37
C SER B 16 11.76 -6.54 18.38
N MET B 17 11.66 -5.59 17.41
CA MET B 17 12.55 -4.44 17.36
C MET B 17 12.22 -3.47 18.47
N GLN B 18 10.92 -3.24 18.71
CA GLN B 18 10.47 -2.34 19.76
C GLN B 18 10.90 -2.87 21.14
N TYR B 19 10.80 -4.20 21.35
CA TYR B 19 11.20 -4.85 22.58
C TYR B 19 12.69 -4.64 22.80
N LEU B 20 13.51 -4.92 21.78
CA LEU B 20 14.97 -4.75 21.83
C LEU B 20 15.38 -3.32 22.18
N LEU B 21 14.78 -2.32 21.52
CA LEU B 21 15.13 -0.91 21.74
C LEU B 21 14.68 -0.45 23.12
N ASN B 22 13.53 -0.91 23.60
CA ASN B 22 13.06 -0.57 24.95
C ASN B 22 13.92 -1.29 26.01
N TYR B 23 14.44 -2.49 25.66
CA TYR B 23 15.30 -3.29 26.53
C TYR B 23 16.63 -2.54 26.74
N VAL B 24 17.21 -2.00 25.64
CA VAL B 24 18.42 -1.17 25.69
C VAL B 24 18.09 0.08 26.56
N ASN B 25 16.96 0.76 26.27
CA ASN B 25 16.56 1.99 27.00
C ASN B 25 16.43 1.80 28.51
N ALA B 26 15.95 0.64 28.98
CA ALA B 26 15.76 0.36 30.41
C ALA B 26 17.12 0.21 31.15
N GLY B 27 18.16 -0.17 30.42
CA GLY B 27 19.51 -0.38 30.96
C GLY B 27 19.64 -1.62 31.81
#